data_1P6V
#
_entry.id   1P6V
#
_cell.length_a   99.680
_cell.length_b   99.680
_cell.length_c   207.050
_cell.angle_alpha   90.00
_cell.angle_beta   90.00
_cell.angle_gamma   90.00
#
_symmetry.space_group_name_H-M   'P 43 21 2'
#
loop_
_entity.id
_entity.type
_entity.pdbx_description
1 polymer 45-MER
2 polymer 'SsrA-binding protein'
#
loop_
_entity_poly.entity_id
_entity_poly.type
_entity_poly.pdbx_seq_one_letter_code
_entity_poly.pdbx_strand_id
1 'polyribonucleotide' GGGGGCGGAAAGGAUUCGACGGGGACUUCGGUCCUCGGACGCGGGUUCGAUUCCCGCCGCCUCCACCA B,D
2 'polypeptide(L)'
;GKSDKIIPIAENKEAKAKYDILETYEAGIVLKGSEVKSLREKGTVSFKDSFVRIENGEAWLYNLYIAPYKHATIENHDPL
RKRKLLLHKREIMRLYGKVQEKGYTIIPLKLYWKNNKVKVLIALAKGKKLYDRRRELKEKAMKRELEREFKGKIHL
;
A,C
#
loop_
_chem_comp.id
_chem_comp.type
_chem_comp.name
_chem_comp.formula
A RNA linking ADENOSINE-5'-MONOPHOSPHATE 'C10 H14 N5 O7 P'
C RNA linking CYTIDINE-5'-MONOPHOSPHATE 'C9 H14 N3 O8 P'
G RNA linking GUANOSINE-5'-MONOPHOSPHATE 'C10 H14 N5 O8 P'
U RNA linking URIDINE-5'-MONOPHOSPHATE 'C9 H13 N2 O9 P'
#
# COMPACT_ATOMS: atom_id res chain seq x y z
N SER C 3 17.58 -14.85 3.23
CA SER C 3 17.02 -13.76 2.37
C SER C 3 17.22 -12.37 2.98
N ASP C 4 16.85 -12.21 4.25
CA ASP C 4 17.01 -10.93 4.94
C ASP C 4 17.64 -11.08 6.31
N LYS C 5 18.96 -11.05 6.36
CA LYS C 5 19.70 -11.19 7.61
C LYS C 5 19.65 -9.86 8.36
N ILE C 6 19.28 -9.90 9.64
CA ILE C 6 19.22 -8.68 10.44
C ILE C 6 19.78 -8.88 11.85
N ILE C 7 20.42 -7.84 12.38
CA ILE C 7 21.03 -7.89 13.71
C ILE C 7 20.52 -6.78 14.62
N PRO C 8 19.97 -7.15 15.78
CA PRO C 8 19.47 -6.17 16.74
C PRO C 8 20.55 -5.22 17.23
N ILE C 9 20.16 -3.99 17.54
CA ILE C 9 21.10 -2.98 18.04
C ILE C 9 20.63 -2.47 19.38
N ALA C 10 19.37 -2.07 19.44
CA ALA C 10 18.78 -1.52 20.66
C ALA C 10 17.25 -1.42 20.59
N GLU C 11 16.58 -1.93 21.61
CA GLU C 11 15.12 -1.89 21.67
C GLU C 11 14.65 -0.92 22.75
N ASN C 12 13.44 -0.39 22.61
CA ASN C 12 12.91 0.57 23.57
C ASN C 12 11.92 -0.03 24.56
N LYS C 13 12.44 -0.58 25.66
CA LYS C 13 11.61 -1.20 26.68
C LYS C 13 10.65 -0.17 27.26
N GLU C 14 11.19 1.00 27.60
CA GLU C 14 10.40 2.09 28.17
C GLU C 14 9.39 2.57 27.12
N ALA C 15 8.69 1.64 26.48
CA ALA C 15 7.71 2.00 25.45
C ALA C 15 6.79 0.87 25.10
N LYS C 16 7.10 -0.32 25.58
CA LYS C 16 6.27 -1.49 25.31
C LYS C 16 5.15 -1.61 26.34
N ALA C 17 5.31 -0.94 27.47
CA ALA C 17 4.29 -0.98 28.49
C ALA C 17 3.60 0.38 28.65
N LYS C 18 3.82 1.26 27.68
CA LYS C 18 3.25 2.60 27.76
C LYS C 18 2.37 3.06 26.59
N TYR C 19 2.62 2.57 25.38
CA TYR C 19 1.84 3.09 24.25
C TYR C 19 0.82 2.33 23.44
N ASP C 20 0.73 1.02 23.49
CA ASP C 20 -0.28 0.38 22.62
C ASP C 20 0.02 0.76 21.17
N ILE C 21 0.65 -0.14 20.44
CA ILE C 21 0.99 0.13 19.05
C ILE C 21 -0.18 -0.02 18.09
N LEU C 22 -0.35 0.96 17.22
CA LEU C 22 -1.42 0.94 16.23
C LEU C 22 -0.94 0.55 14.84
N GLU C 23 0.27 0.97 14.50
CA GLU C 23 0.88 0.66 13.21
C GLU C 23 2.38 0.80 13.33
N THR C 24 3.13 -0.08 12.67
CA THR C 24 4.58 0.01 12.71
C THR C 24 5.15 0.21 11.31
N TYR C 25 6.18 1.04 11.20
CA TYR C 25 6.81 1.29 9.93
C TYR C 25 8.31 1.06 10.05
N GLU C 26 8.95 0.76 8.92
CA GLU C 26 10.37 0.52 8.97
C GLU C 26 11.26 1.67 8.52
N ALA C 27 12.22 1.92 9.40
CA ALA C 27 13.30 2.90 9.36
C ALA C 27 13.61 3.84 8.23
N GLY C 28 14.93 3.92 7.99
CA GLY C 28 15.51 4.79 7.00
C GLY C 28 16.07 5.98 7.74
N ILE C 29 17.37 6.02 8.04
CA ILE C 29 17.93 7.18 8.74
C ILE C 29 19.26 7.69 8.20
N VAL C 30 19.27 8.94 7.76
CA VAL C 30 20.51 9.48 7.23
C VAL C 30 21.44 9.67 8.41
N LEU C 31 22.33 8.71 8.62
CA LEU C 31 23.29 8.79 9.72
C LEU C 31 24.58 9.43 9.27
N LYS C 32 25.34 9.97 10.23
CA LYS C 32 26.61 10.58 9.91
C LYS C 32 27.62 9.44 10.02
N GLY C 33 28.70 9.52 9.26
CA GLY C 33 29.70 8.47 9.30
C GLY C 33 29.97 7.96 10.70
N SER C 34 30.76 8.74 11.44
CA SER C 34 31.12 8.39 12.80
C SER C 34 30.05 7.58 13.52
N GLU C 35 28.81 8.07 13.49
CA GLU C 35 27.73 7.39 14.16
C GLU C 35 27.63 5.92 13.79
N VAL C 36 27.85 5.60 12.52
CA VAL C 36 27.75 4.20 12.10
C VAL C 36 28.84 3.37 12.73
N LYS C 37 30.06 3.92 12.72
CA LYS C 37 31.21 3.24 13.29
C LYS C 37 30.97 2.96 14.78
N SER C 38 30.56 3.99 15.52
CA SER C 38 30.31 3.85 16.94
C SER C 38 29.00 3.13 17.22
N LEU C 39 28.42 2.54 16.19
CA LEU C 39 27.17 1.79 16.35
C LEU C 39 27.55 0.34 16.10
N ARG C 40 28.71 0.17 15.46
CA ARG C 40 29.26 -1.14 15.13
C ARG C 40 30.22 -1.49 16.26
N GLU C 41 30.99 -0.49 16.65
CA GLU C 41 31.96 -0.63 17.71
C GLU C 41 31.26 -1.02 19.00
N LYS C 42 29.93 -1.16 18.91
CA LYS C 42 29.04 -1.50 20.03
C LYS C 42 28.34 -0.24 20.51
N GLY C 43 29.11 0.70 21.07
CA GLY C 43 28.57 1.97 21.55
C GLY C 43 27.20 1.98 22.19
N THR C 44 27.04 2.77 23.26
CA THR C 44 25.75 2.83 23.93
C THR C 44 24.72 3.66 23.15
N VAL C 45 23.45 3.35 23.35
CA VAL C 45 22.34 4.05 22.68
C VAL C 45 21.07 3.96 23.54
N SER C 46 20.34 5.07 23.66
CA SER C 46 19.10 5.05 24.45
C SER C 46 17.99 5.82 23.77
N PHE C 47 16.76 5.43 24.09
CA PHE C 47 15.58 6.05 23.52
C PHE C 47 14.83 6.85 24.58
N LYS C 48 15.54 7.22 25.65
CA LYS C 48 14.94 7.97 26.75
C LYS C 48 14.46 9.33 26.25
N ASP C 49 13.18 9.59 26.41
CA ASP C 49 12.59 10.85 26.00
C ASP C 49 12.79 11.15 24.52
N SER C 50 12.94 10.11 23.72
CA SER C 50 13.11 10.23 22.28
C SER C 50 11.73 10.22 21.66
N PHE C 51 11.55 11.00 20.60
CA PHE C 51 10.26 11.09 19.91
C PHE C 51 10.48 11.42 18.43
N VAL C 52 9.41 11.39 17.64
CA VAL C 52 9.52 11.70 16.22
C VAL C 52 8.59 12.85 15.84
N ARG C 53 9.08 13.73 14.99
CA ARG C 53 8.30 14.88 14.54
C ARG C 53 8.32 14.99 13.03
N ILE C 54 7.23 15.47 12.46
CA ILE C 54 7.13 15.65 11.03
C ILE C 54 7.25 17.12 10.69
N GLU C 55 8.42 17.59 10.25
CA GLU C 55 8.53 19.00 9.93
C GLU C 55 8.17 19.34 8.49
N ASN C 56 9.00 20.07 7.76
CA ASN C 56 8.61 20.38 6.38
C ASN C 56 8.47 19.10 5.60
N GLY C 57 7.29 18.52 5.61
CA GLY C 57 7.06 17.28 4.89
C GLY C 57 8.03 16.14 5.20
N GLU C 58 8.97 16.36 6.12
CA GLU C 58 9.92 15.31 6.47
C GLU C 58 9.58 14.60 7.80
N ALA C 59 10.33 13.56 8.12
CA ALA C 59 10.15 12.81 9.36
C ALA C 59 11.44 12.88 10.14
N TRP C 60 11.38 13.32 11.39
CA TRP C 60 12.58 13.44 12.21
C TRP C 60 12.55 12.72 13.56
N LEU C 61 13.66 12.07 13.90
CA LEU C 61 13.81 11.34 15.17
C LEU C 61 14.55 12.34 16.03
N TYR C 62 13.91 12.78 17.10
CA TYR C 62 14.49 13.84 17.92
C TYR C 62 15.43 13.68 19.11
N ASN C 63 15.33 12.65 19.92
CA ASN C 63 16.26 12.63 21.04
C ASN C 63 16.88 11.27 21.29
N LEU C 64 17.60 10.79 20.29
CA LEU C 64 18.25 9.49 20.34
C LEU C 64 19.72 9.67 20.68
N TYR C 65 20.17 9.10 21.80
CA TYR C 65 21.58 9.22 22.16
C TYR C 65 22.41 8.11 21.53
N ILE C 66 23.29 8.51 20.62
CA ILE C 66 24.18 7.57 19.96
C ILE C 66 25.56 7.91 20.50
N ALA C 67 26.15 6.97 21.22
CA ALA C 67 27.46 7.19 21.80
C ALA C 67 28.56 7.37 20.75
N PRO C 68 29.32 8.46 20.88
CA PRO C 68 30.43 8.84 20.01
C PRO C 68 31.69 7.99 20.23
N TYR C 69 32.68 8.10 19.35
CA TYR C 69 33.91 7.33 19.50
C TYR C 69 35.16 8.09 19.02
N LYS C 70 36.33 7.57 19.37
CA LYS C 70 37.62 8.18 19.01
C LYS C 70 37.79 8.39 17.51
N HIS C 71 37.15 9.43 17.00
CA HIS C 71 37.21 9.74 15.59
C HIS C 71 37.44 11.24 15.44
N ALA C 72 37.79 11.88 16.55
CA ALA C 72 38.06 13.31 16.58
C ALA C 72 36.80 14.14 16.32
N ASN C 76 31.27 18.56 17.64
CA ASN C 76 31.51 17.49 16.68
C ASN C 76 30.67 16.26 17.03
N HIS C 77 29.58 16.06 16.27
CA HIS C 77 28.68 14.93 16.48
C HIS C 77 27.89 15.02 17.78
N ASP C 78 26.93 15.93 17.81
CA ASP C 78 26.09 16.08 19.00
C ASP C 78 25.29 14.78 19.03
N PRO C 79 25.49 13.96 20.06
CA PRO C 79 24.83 12.67 20.29
C PRO C 79 23.31 12.66 20.17
N LEU C 80 22.70 13.85 20.11
CA LEU C 80 21.25 13.94 20.02
C LEU C 80 20.68 14.26 18.64
N ARG C 81 21.36 15.10 17.88
CA ARG C 81 20.96 15.45 16.50
C ARG C 81 19.55 15.14 15.99
N LYS C 82 18.92 16.09 15.33
CA LYS C 82 17.63 15.78 14.72
C LYS C 82 18.15 14.89 13.59
N ARG C 83 17.77 13.62 13.56
CA ARG C 83 18.22 12.73 12.49
C ARG C 83 17.02 12.62 11.58
N LYS C 84 17.26 12.59 10.28
CA LYS C 84 16.15 12.48 9.32
C LYS C 84 15.84 11.02 9.04
N LEU C 85 14.58 10.74 8.77
CA LEU C 85 14.15 9.39 8.46
C LEU C 85 13.77 9.26 6.98
N LEU C 86 14.22 8.17 6.36
CA LEU C 86 13.92 7.85 4.96
C LEU C 86 12.67 7.02 5.03
N LEU C 87 11.55 7.60 4.60
CA LEU C 87 10.32 6.89 4.78
C LEU C 87 9.16 6.97 3.80
N HIS C 88 9.32 7.52 2.62
CA HIS C 88 8.18 7.54 1.68
C HIS C 88 7.17 8.61 1.99
N LYS C 89 7.03 9.56 1.07
CA LYS C 89 6.10 10.66 1.27
C LYS C 89 4.70 10.21 1.67
N ARG C 90 4.12 9.27 0.94
CA ARG C 90 2.78 8.85 1.32
C ARG C 90 2.77 8.31 2.75
N GLU C 91 3.92 7.85 3.23
CA GLU C 91 3.96 7.30 4.57
C GLU C 91 3.99 8.42 5.58
N ILE C 92 4.74 9.45 5.26
CA ILE C 92 4.79 10.62 6.11
C ILE C 92 3.37 11.12 6.16
N MET C 93 2.90 11.66 5.05
CA MET C 93 1.54 12.18 4.95
C MET C 93 0.56 11.30 5.75
N ARG C 94 0.66 9.98 5.59
CA ARG C 94 -0.21 9.08 6.31
C ARG C 94 -0.06 9.32 7.79
N LEU C 95 1.15 9.09 8.30
CA LEU C 95 1.45 9.26 9.72
C LEU C 95 0.94 10.60 10.16
N TYR C 96 1.43 11.66 9.51
CA TYR C 96 1.01 13.03 9.79
C TYR C 96 -0.50 13.10 10.01
N GLY C 97 -1.27 12.71 9.01
CA GLY C 97 -2.72 12.70 9.16
C GLY C 97 -3.08 12.17 10.53
N LYS C 98 -2.99 10.86 10.72
CA LYS C 98 -3.32 10.23 12.00
C LYS C 98 -3.02 11.10 13.23
N VAL C 99 -1.80 11.63 13.32
CA VAL C 99 -1.42 12.48 14.44
C VAL C 99 -2.48 13.53 14.65
N GLN C 100 -2.85 14.28 13.61
CA GLN C 100 -3.92 15.25 13.76
C GLN C 100 -5.16 14.41 14.03
N GLU C 101 -5.99 14.22 13.00
CA GLU C 101 -7.23 13.45 13.10
C GLU C 101 -7.53 12.83 14.47
N LYS C 102 -6.61 12.04 14.99
CA LYS C 102 -6.84 11.36 16.27
C LYS C 102 -5.91 11.72 17.43
N GLY C 103 -5.02 12.68 17.21
CA GLY C 103 -4.12 13.08 18.26
C GLY C 103 -3.05 12.08 18.64
N TYR C 104 -2.95 10.97 17.92
CA TYR C 104 -1.95 9.94 18.20
C TYR C 104 -0.53 10.49 18.27
N THR C 105 0.41 9.59 18.53
CA THR C 105 1.82 9.96 18.60
C THR C 105 2.71 8.92 17.88
N ILE C 106 3.86 9.38 17.42
CA ILE C 106 4.83 8.57 16.71
C ILE C 106 6.13 8.39 17.51
N ILE C 107 6.44 7.16 17.91
CA ILE C 107 7.66 6.90 18.68
C ILE C 107 8.52 5.77 18.11
N PRO C 108 9.83 5.78 18.39
CA PRO C 108 10.76 4.77 17.91
C PRO C 108 10.71 3.49 18.73
N LEU C 109 10.64 2.34 18.07
CA LEU C 109 10.58 1.06 18.77
C LEU C 109 11.88 0.30 18.80
N LYS C 110 12.78 0.53 17.85
CA LYS C 110 14.07 -0.17 17.86
C LYS C 110 15.05 0.25 16.79
N LEU C 111 16.31 -0.10 16.99
CA LEU C 111 17.37 0.17 16.03
C LEU C 111 17.95 -1.17 15.68
N TYR C 112 18.24 -1.39 14.40
CA TYR C 112 18.81 -2.66 14.01
C TYR C 112 19.50 -2.63 12.67
N TRP C 113 20.28 -3.65 12.39
CA TRP C 113 20.96 -3.73 11.12
C TRP C 113 20.15 -4.64 10.21
N LYS C 114 20.11 -4.33 8.92
CA LYS C 114 19.39 -5.14 7.95
C LYS C 114 20.20 -4.94 6.69
N ASN C 115 21.10 -5.87 6.44
CA ASN C 115 21.99 -5.80 5.28
C ASN C 115 22.95 -4.65 5.52
N ASN C 116 23.62 -4.69 6.67
CA ASN C 116 24.57 -3.65 7.05
C ASN C 116 24.06 -2.23 6.83
N LYS C 117 22.75 -2.07 6.90
CA LYS C 117 22.10 -0.77 6.77
C LYS C 117 21.43 -0.55 8.11
N VAL C 118 21.71 0.58 8.76
CA VAL C 118 21.09 0.85 10.05
C VAL C 118 19.66 1.26 9.77
N LYS C 119 18.77 0.79 10.63
CA LYS C 119 17.36 1.10 10.51
C LYS C 119 16.68 1.20 11.87
N VAL C 120 15.64 2.04 11.94
CA VAL C 120 14.90 2.26 13.16
C VAL C 120 13.42 1.98 12.94
N LEU C 121 12.82 1.14 13.78
CA LEU C 121 11.40 0.80 13.63
C LEU C 121 10.57 1.89 14.29
N ILE C 122 9.57 2.36 13.55
CA ILE C 122 8.71 3.44 14.02
C ILE C 122 7.25 3.06 14.13
N ALA C 123 6.60 3.41 15.24
CA ALA C 123 5.19 3.09 15.39
C ALA C 123 4.32 4.32 15.52
N LEU C 124 3.02 4.15 15.35
CA LEU C 124 2.08 5.24 15.49
C LEU C 124 1.30 4.75 16.67
N ALA C 125 1.54 5.32 17.86
CA ALA C 125 0.86 4.86 19.06
C ALA C 125 -0.11 5.77 19.80
N LYS C 126 -0.79 5.14 20.76
CA LYS C 126 -1.78 5.73 21.65
C LYS C 126 -1.21 5.72 23.09
N GLY C 127 -2.06 5.98 24.08
CA GLY C 127 -1.61 5.98 25.45
C GLY C 127 -2.29 4.80 26.10
N LYS C 128 -1.93 4.42 27.31
CA LYS C 128 -2.60 3.27 27.91
C LYS C 128 -3.66 3.54 28.98
N LYS C 129 -3.66 4.76 29.52
CA LYS C 129 -4.64 5.13 30.56
C LYS C 129 -4.27 4.57 31.93
N LEU C 130 -3.88 3.30 31.98
CA LEU C 130 -3.50 2.64 33.24
C LEU C 130 -4.51 2.82 34.36
N SER D 3 -13.39 -17.48 5.08
CA SER D 3 -13.89 -16.10 5.22
C SER D 3 -14.24 -15.50 3.86
N ASP D 4 -14.10 -16.29 2.81
CA ASP D 4 -14.41 -15.84 1.45
C ASP D 4 -14.79 -16.97 0.49
N LYS D 5 -16.02 -16.92 -0.02
CA LYS D 5 -16.51 -17.91 -0.96
C LYS D 5 -16.63 -17.25 -2.33
N ILE D 6 -15.76 -17.65 -3.26
CA ILE D 6 -15.72 -17.07 -4.60
C ILE D 6 -16.28 -17.96 -5.71
N ILE D 7 -17.23 -17.41 -6.46
CA ILE D 7 -17.84 -18.11 -7.59
C ILE D 7 -17.46 -17.40 -8.88
N PRO D 8 -16.52 -17.97 -9.65
CA PRO D 8 -16.08 -17.36 -10.90
C PRO D 8 -17.25 -17.27 -11.87
N ILE D 9 -17.01 -16.63 -13.00
CA ILE D 9 -18.03 -16.50 -14.03
C ILE D 9 -17.37 -16.36 -15.39
N ALA D 10 -16.66 -15.25 -15.58
CA ALA D 10 -16.00 -14.96 -16.86
C ALA D 10 -14.66 -15.66 -17.06
N GLU D 11 -13.68 -14.88 -17.52
CA GLU D 11 -12.32 -15.34 -17.83
C GLU D 11 -12.10 -15.45 -19.34
N ASN D 12 -11.13 -14.70 -19.85
CA ASN D 12 -10.81 -14.71 -21.27
C ASN D 12 -9.36 -15.14 -21.55
N LYS D 13 -9.19 -16.40 -21.95
CA LYS D 13 -7.86 -16.93 -22.25
C LYS D 13 -7.16 -16.00 -23.22
N GLU D 14 -7.94 -15.40 -24.12
CA GLU D 14 -7.40 -14.50 -25.12
C GLU D 14 -6.50 -13.42 -24.53
N ALA D 15 -6.71 -13.11 -23.25
CA ALA D 15 -5.90 -12.10 -22.59
C ALA D 15 -4.73 -12.77 -21.88
N LYS D 16 -5.03 -13.83 -21.14
CA LYS D 16 -4.00 -14.58 -20.43
C LYS D 16 -2.96 -15.04 -21.43
N ALA D 17 -3.35 -15.05 -22.70
CA ALA D 17 -2.46 -15.47 -23.77
C ALA D 17 -1.90 -14.27 -24.55
N LYS D 18 -2.57 -13.12 -24.45
CA LYS D 18 -2.12 -11.93 -25.18
C LYS D 18 -1.18 -11.03 -24.38
N TYR D 19 -1.48 -10.81 -23.11
CA TYR D 19 -0.62 -9.95 -22.29
C TYR D 19 0.07 -10.70 -21.19
N ASP D 20 0.98 -10.01 -20.50
CA ASP D 20 1.72 -10.59 -19.41
C ASP D 20 1.39 -9.81 -18.14
N ILE D 21 0.41 -10.28 -17.39
CA ILE D 21 0.00 -9.61 -16.16
C ILE D 21 1.20 -8.99 -15.45
N LEU D 22 0.99 -7.82 -14.84
CA LEU D 22 2.05 -7.15 -14.11
C LEU D 22 1.51 -6.84 -12.73
N GLU D 23 0.20 -6.94 -12.59
CA GLU D 23 -0.46 -6.68 -11.33
C GLU D 23 -1.91 -7.15 -11.32
N THR D 24 -2.38 -7.53 -10.14
CA THR D 24 -3.75 -7.98 -9.98
C THR D 24 -4.49 -6.95 -9.13
N TYR D 25 -5.78 -6.78 -9.40
CA TYR D 25 -6.61 -5.84 -8.66
C TYR D 25 -8.04 -6.39 -8.62
N GLU D 26 -8.68 -6.32 -7.44
CA GLU D 26 -10.05 -6.78 -7.36
C GLU D 26 -10.90 -5.53 -7.50
N ALA D 27 -11.69 -5.55 -8.58
CA ALA D 27 -12.56 -4.45 -8.99
C ALA D 27 -13.72 -3.99 -8.14
N GLY D 28 -14.82 -4.73 -8.17
CA GLY D 28 -16.00 -4.29 -7.44
C GLY D 28 -16.59 -3.28 -8.40
N ILE D 29 -17.72 -3.62 -9.01
CA ILE D 29 -18.33 -2.78 -10.02
C ILE D 29 -19.79 -2.44 -9.78
N VAL D 30 -20.17 -1.18 -9.97
CA VAL D 30 -21.57 -0.82 -9.78
C VAL D 30 -22.29 -1.66 -10.79
N LEU D 31 -23.28 -2.43 -10.35
CA LEU D 31 -24.02 -3.26 -11.29
C LEU D 31 -25.44 -2.80 -11.31
N LYS D 32 -26.26 -3.54 -12.06
CA LYS D 32 -27.67 -3.27 -12.18
C LYS D 32 -28.38 -4.58 -11.80
N GLY D 33 -29.32 -4.50 -10.86
CA GLY D 33 -30.02 -5.70 -10.45
C GLY D 33 -30.23 -6.63 -11.63
N SER D 34 -30.85 -6.11 -12.68
CA SER D 34 -31.09 -6.89 -13.88
C SER D 34 -29.86 -7.71 -14.25
N GLU D 35 -28.69 -7.07 -14.19
CA GLU D 35 -27.44 -7.76 -14.50
C GLU D 35 -27.10 -8.73 -13.37
N VAL D 36 -27.17 -8.24 -12.14
CA VAL D 36 -26.88 -9.08 -10.99
C VAL D 36 -27.72 -10.33 -11.14
N LYS D 37 -29.01 -10.10 -11.34
CA LYS D 37 -29.98 -11.18 -11.50
C LYS D 37 -29.54 -12.06 -12.65
N SER D 38 -29.49 -11.49 -13.85
CA SER D 38 -29.09 -12.22 -15.05
C SER D 38 -27.90 -13.11 -14.77
N LEU D 39 -27.06 -12.65 -13.84
CA LEU D 39 -25.87 -13.40 -13.44
C LEU D 39 -26.27 -14.54 -12.52
N ARG D 40 -27.06 -14.22 -11.49
CA ARG D 40 -27.53 -15.23 -10.56
C ARG D 40 -28.15 -16.37 -11.34
N GLU D 41 -28.60 -16.08 -12.56
CA GLU D 41 -29.20 -17.08 -13.42
C GLU D 41 -28.15 -18.05 -13.94
N LYS D 42 -27.14 -17.49 -14.61
CA LYS D 42 -26.03 -18.21 -15.21
C LYS D 42 -25.86 -17.64 -16.61
N GLY D 43 -27.00 -17.41 -17.26
CA GLY D 43 -27.06 -16.86 -18.60
C GLY D 43 -25.78 -16.74 -19.41
N THR D 44 -25.63 -15.61 -20.10
CA THR D 44 -24.44 -15.38 -20.91
C THR D 44 -23.76 -14.09 -20.43
N VAL D 45 -22.46 -14.19 -20.17
CA VAL D 45 -21.69 -13.05 -19.70
C VAL D 45 -20.24 -13.16 -20.13
N SER D 46 -19.99 -12.93 -21.40
CA SER D 46 -18.62 -12.99 -21.90
C SER D 46 -18.18 -11.57 -22.20
N PHE D 47 -16.90 -11.34 -22.07
CA PHE D 47 -16.35 -10.03 -22.35
C PHE D 47 -15.26 -10.16 -23.40
N LYS D 48 -15.67 -9.89 -24.65
CA LYS D 48 -14.81 -9.94 -25.82
C LYS D 48 -14.58 -8.49 -26.25
N ASP D 49 -13.33 -8.16 -26.58
CA ASP D 49 -12.98 -6.80 -26.99
C ASP D 49 -13.19 -5.81 -25.83
N SER D 50 -13.19 -6.35 -24.61
CA SER D 50 -13.37 -5.58 -23.39
C SER D 50 -12.05 -4.94 -22.95
N PHE D 51 -12.17 -3.76 -22.34
CA PHE D 51 -11.01 -3.02 -21.87
C PHE D 51 -11.46 -2.08 -20.75
N VAL D 52 -10.49 -1.47 -20.07
CA VAL D 52 -10.77 -0.55 -18.96
C VAL D 52 -10.11 0.78 -19.29
N ARG D 53 -10.76 1.87 -18.90
CA ARG D 53 -10.22 3.18 -19.17
C ARG D 53 -10.46 4.09 -17.98
N ILE D 54 -9.52 4.96 -17.69
CA ILE D 54 -9.66 5.88 -16.58
C ILE D 54 -10.18 7.17 -17.20
N GLU D 55 -11.30 7.67 -16.69
CA GLU D 55 -11.83 8.90 -17.24
C GLU D 55 -11.68 10.06 -16.26
N ASN D 56 -12.71 10.84 -16.02
CA ASN D 56 -12.56 11.99 -15.11
C ASN D 56 -12.40 11.56 -13.65
N GLY D 57 -11.20 11.09 -13.29
CA GLY D 57 -10.94 10.66 -11.93
C GLY D 57 -11.45 9.26 -11.64
N GLU D 58 -12.60 8.93 -12.21
CA GLU D 58 -13.21 7.62 -12.03
C GLU D 58 -12.56 6.62 -12.99
N ALA D 59 -12.95 5.35 -12.92
CA ALA D 59 -12.39 4.33 -13.82
C ALA D 59 -13.49 3.42 -14.35
N TRP D 60 -13.51 3.23 -15.67
CA TRP D 60 -14.56 2.42 -16.27
C TRP D 60 -14.16 1.16 -17.03
N LEU D 61 -15.10 0.23 -17.06
CA LEU D 61 -14.93 -1.05 -17.74
C LEU D 61 -15.74 -1.02 -19.01
N TYR D 62 -15.07 -0.88 -20.14
CA TYR D 62 -15.76 -0.83 -21.41
C TYR D 62 -15.97 -2.17 -22.08
N ASN D 63 -17.19 -2.36 -22.58
CA ASN D 63 -17.56 -3.56 -23.31
C ASN D 63 -17.67 -4.87 -22.55
N LEU D 64 -18.59 -4.93 -21.60
CA LEU D 64 -18.80 -6.17 -20.86
C LEU D 64 -20.19 -6.69 -21.22
N TYR D 65 -20.23 -7.84 -21.88
CA TYR D 65 -21.52 -8.42 -22.26
C TYR D 65 -22.19 -9.04 -21.04
N ILE D 66 -23.45 -8.68 -20.83
CA ILE D 66 -24.22 -9.20 -19.69
C ILE D 66 -25.67 -9.35 -20.16
N ALA D 67 -25.97 -10.50 -20.77
CA ALA D 67 -27.31 -10.78 -21.27
C ALA D 67 -28.36 -10.48 -20.21
N PRO D 68 -29.35 -9.61 -20.53
CA PRO D 68 -30.41 -9.27 -19.58
C PRO D 68 -31.41 -10.41 -19.47
N TYR D 69 -32.41 -10.24 -18.61
CA TYR D 69 -33.45 -11.26 -18.44
C TYR D 69 -34.83 -10.62 -18.30
N LYS D 70 -35.86 -11.37 -18.69
CA LYS D 70 -37.24 -10.88 -18.62
C LYS D 70 -37.65 -10.28 -17.28
N HIS D 71 -37.30 -9.02 -17.08
CA HIS D 71 -37.61 -8.30 -15.86
C HIS D 71 -38.26 -6.97 -16.23
N ALA D 72 -39.58 -6.90 -16.07
CA ALA D 72 -40.34 -5.69 -16.37
C ALA D 72 -39.73 -4.86 -17.51
N ASN D 76 -34.35 -2.79 -21.27
CA ASN D 76 -33.88 -2.52 -19.91
C ASN D 76 -32.53 -3.20 -19.70
N HIS D 77 -31.48 -2.40 -19.48
CA HIS D 77 -30.14 -2.93 -19.27
C HIS D 77 -29.54 -3.35 -20.64
N ASP D 78 -28.64 -2.51 -21.15
CA ASP D 78 -27.97 -2.72 -22.43
C ASP D 78 -26.67 -3.52 -22.31
N PRO D 79 -26.75 -4.84 -22.53
CA PRO D 79 -25.65 -5.80 -22.46
C PRO D 79 -24.20 -5.30 -22.49
N LEU D 80 -23.91 -4.31 -23.33
CA LEU D 80 -22.53 -3.80 -23.45
C LEU D 80 -22.32 -2.48 -22.70
N ARG D 81 -23.24 -2.19 -21.81
CA ARG D 81 -23.23 -0.99 -21.00
C ARG D 81 -21.86 -0.56 -20.46
N LYS D 82 -21.74 0.74 -20.18
CA LYS D 82 -20.51 1.29 -19.64
C LYS D 82 -20.69 1.21 -18.13
N ARG D 83 -19.83 0.45 -17.46
CA ARG D 83 -19.94 0.30 -16.01
C ARG D 83 -18.67 0.69 -15.28
N LYS D 84 -18.81 1.51 -14.24
CA LYS D 84 -17.63 1.93 -13.48
C LYS D 84 -17.41 0.95 -12.36
N LEU D 85 -16.14 0.79 -12.03
CA LEU D 85 -15.70 -0.12 -10.98
C LEU D 85 -15.36 0.73 -9.77
N LEU D 86 -15.70 0.23 -8.58
CA LEU D 86 -15.39 0.92 -7.33
C LEU D 86 -13.98 0.48 -6.98
N LEU D 87 -13.11 1.45 -6.76
CA LEU D 87 -11.70 1.23 -6.45
C LEU D 87 -11.17 2.48 -5.77
N HIS D 88 -10.18 2.34 -4.90
CA HIS D 88 -9.65 3.50 -4.20
C HIS D 88 -9.06 4.54 -5.12
N LYS D 89 -9.38 5.80 -4.86
CA LYS D 89 -8.83 6.87 -5.67
C LYS D 89 -7.35 6.57 -5.89
N ARG D 90 -6.59 6.50 -4.80
CA ARG D 90 -5.16 6.20 -4.91
C ARG D 90 -4.85 5.02 -5.83
N GLU D 91 -5.77 4.06 -5.93
CA GLU D 91 -5.54 2.91 -6.80
C GLU D 91 -5.70 3.40 -8.23
N ILE D 92 -6.75 4.19 -8.46
CA ILE D 92 -7.03 4.75 -9.78
C ILE D 92 -5.78 5.46 -10.29
N MET D 93 -5.35 6.49 -9.56
CA MET D 93 -4.14 7.23 -9.92
C MET D 93 -2.93 6.31 -10.10
N ARG D 94 -2.97 5.13 -9.48
CA ARG D 94 -1.87 4.19 -9.60
C ARG D 94 -1.78 3.77 -11.07
N LEU D 95 -2.89 3.22 -11.56
CA LEU D 95 -3.03 2.74 -12.93
C LEU D 95 -2.89 3.89 -13.93
N TYR D 96 -3.65 4.95 -13.71
CA TYR D 96 -3.58 6.10 -14.60
C TYR D 96 -2.13 6.39 -14.94
N GLY D 97 -1.30 6.55 -13.93
CA GLY D 97 0.10 6.85 -14.15
C GLY D 97 0.86 5.73 -14.84
N LYS D 98 0.57 4.48 -14.51
CA LYS D 98 1.29 3.40 -15.15
C LYS D 98 0.99 3.38 -16.65
N VAL D 99 -0.29 3.37 -17.00
CA VAL D 99 -0.64 3.36 -18.41
C VAL D 99 -0.03 4.55 -19.11
N GLN D 100 0.17 5.66 -18.39
CA GLN D 100 0.78 6.84 -18.98
C GLN D 100 2.27 6.62 -19.10
N GLU D 101 3.01 6.79 -18.01
CA GLU D 101 4.46 6.62 -18.03
C GLU D 101 4.95 5.60 -19.05
N LYS D 102 4.71 4.32 -18.80
CA LYS D 102 5.15 3.26 -19.71
C LYS D 102 4.10 2.74 -20.71
N GLY D 103 3.02 3.50 -20.88
CA GLY D 103 1.97 3.11 -21.81
C GLY D 103 1.49 1.67 -21.74
N TYR D 104 1.08 1.22 -20.57
CA TYR D 104 0.61 -0.16 -20.46
C TYR D 104 -0.83 -0.23 -20.91
N THR D 105 -1.61 -1.06 -20.24
CA THR D 105 -3.04 -1.20 -20.53
C THR D 105 -3.74 -2.03 -19.46
N ILE D 106 -4.90 -1.57 -19.04
CA ILE D 106 -5.67 -2.21 -17.99
C ILE D 106 -6.71 -3.22 -18.44
N ILE D 107 -6.25 -4.41 -18.81
CA ILE D 107 -7.16 -5.46 -19.26
C ILE D 107 -7.90 -6.17 -18.15
N PRO D 108 -9.19 -6.50 -18.37
CA PRO D 108 -10.03 -7.18 -17.39
C PRO D 108 -9.76 -8.68 -17.47
N LEU D 109 -9.45 -9.31 -16.33
CA LEU D 109 -9.13 -10.74 -16.31
C LEU D 109 -10.25 -11.73 -16.00
N LYS D 110 -11.13 -11.42 -15.05
CA LYS D 110 -12.23 -12.34 -14.72
C LYS D 110 -13.37 -11.71 -13.92
N LEU D 111 -14.58 -12.18 -14.18
CA LEU D 111 -15.76 -11.68 -13.51
C LEU D 111 -16.27 -12.79 -12.59
N TYR D 112 -16.40 -12.48 -11.30
CA TYR D 112 -16.84 -13.48 -10.32
C TYR D 112 -17.52 -12.90 -9.08
N TRP D 113 -18.05 -13.80 -8.25
CA TRP D 113 -18.71 -13.41 -7.01
C TRP D 113 -17.72 -13.55 -5.86
N LYS D 114 -18.02 -12.87 -4.77
CA LYS D 114 -17.20 -12.89 -3.56
C LYS D 114 -18.13 -12.51 -2.41
N ASN D 115 -18.80 -13.53 -1.88
CA ASN D 115 -19.74 -13.38 -0.79
C ASN D 115 -20.94 -12.57 -1.25
N ASN D 116 -21.63 -13.11 -2.25
CA ASN D 116 -22.82 -12.49 -2.82
C ASN D 116 -22.54 -11.09 -3.37
N LYS D 117 -21.33 -10.90 -3.89
CA LYS D 117 -20.95 -9.63 -4.47
C LYS D 117 -20.09 -9.92 -5.68
N VAL D 118 -20.34 -9.22 -6.79
CA VAL D 118 -19.58 -9.41 -8.01
C VAL D 118 -18.34 -8.53 -8.04
N LYS D 119 -17.26 -9.08 -8.55
CA LYS D 119 -16.01 -8.35 -8.64
C LYS D 119 -15.24 -8.89 -9.82
N VAL D 120 -14.52 -8.02 -10.50
CA VAL D 120 -13.73 -8.42 -11.66
C VAL D 120 -12.25 -8.20 -11.37
N LEU D 121 -11.39 -8.97 -12.03
CA LEU D 121 -9.97 -8.79 -11.78
C LEU D 121 -9.34 -7.89 -12.81
N ILE D 122 -9.43 -6.59 -12.55
CA ILE D 122 -8.85 -5.59 -13.41
C ILE D 122 -7.35 -5.86 -13.37
N ALA D 123 -6.76 -6.15 -14.53
CA ALA D 123 -5.33 -6.42 -14.60
C ALA D 123 -4.62 -5.28 -15.32
N LEU D 124 -3.31 -5.18 -15.13
CA LEU D 124 -2.54 -4.12 -15.76
C LEU D 124 -1.23 -4.65 -16.34
N ALA D 125 -1.21 -4.95 -17.63
CA ALA D 125 0.01 -5.49 -18.24
C ALA D 125 0.44 -4.92 -19.60
N LYS D 126 1.38 -5.63 -20.23
CA LYS D 126 1.91 -5.25 -21.54
C LYS D 126 1.56 -6.31 -22.57
N GLY D 127 2.28 -6.34 -23.69
CA GLY D 127 1.97 -7.33 -24.71
C GLY D 127 3.06 -8.36 -24.97
N LYS D 128 2.67 -9.62 -25.10
CA LYS D 128 3.62 -10.69 -25.34
C LYS D 128 4.26 -10.49 -26.70
N LYS D 129 5.59 -10.53 -26.76
CA LYS D 129 6.31 -10.34 -28.02
C LYS D 129 5.87 -11.27 -29.14
N LEU D 130 6.57 -12.39 -29.29
CA LEU D 130 6.26 -13.36 -30.33
C LEU D 130 6.65 -12.85 -31.72
#